data_2WMG
#
_entry.id   2WMG
#
_cell.length_a   50.860
_cell.length_b   90.870
_cell.length_c   116.230
_cell.angle_alpha   90.00
_cell.angle_beta   90.00
_cell.angle_gamma   90.00
#
_symmetry.space_group_name_H-M   'P 21 21 21'
#
loop_
_entity.id
_entity.type
_entity.pdbx_description
1 polymer 'FUCOLECTIN-RELATED PROTEIN'
2 branched alpha-L-fucopyranose-(1-2)-beta-D-galactopyranose-(1-4)-[alpha-L-fucopyranose-(1-3)]2-acetamido-2-deoxy-beta-D-glucopyranose
3 water water
#
_entity_poly.entity_id   1
_entity_poly.type   'polypeptide(L)'
_entity_poly.pdbx_seq_one_letter_code
;MGSSHHHHHHSSGLVPRGSHMAADNRVQMRTTINNESPLLLSPLYGNDNGNGLWWGNTLKGAWEAIPEDVKPYAAIELHP
AKVCKPTSCIPRDTKELREWYVKMLEEAQSLNIPVFLVIMSAGERNTVPPEWLDEQFQKYSVLKGVLNIANYWIYNNQLA
PHSAKYLEVCAKYGAHFIWHDHEKWFWETIMNDPTFFEASQKYHKNLVLATKNTPIRDDAGTDSIVSGFWLSGLCDNWGS
STDTWKWWEKHYTNTFETGRARDMRSYASEPESMIAMEMMNVYTGGGTVYNFECAAYTFMTNDVPTPAFTKGIIPFFRHA
IQNPAPSKEEVVNRTKAVFWNGEGRISSLNGFYQGLYSNDETMPLYNNGRYHILPVIHEKIDKEKISSIFPNAKILTKNS
EELSSKVNYLNSLYPKLYEGDGYAQRVGNSWYIYNSNANINKNQQVMLPMYTNNTKSLSLDLTPHTYAVVKENPNNLHIL
LNNYRTDKTAMWALSGNFDASKSWKKEELELANWISKNYSINPVDNDFRTTTLTLKGHTGHKPQINISGDKNHYTYTENW
DENTHVYTITVNHNGMVEMKI
;
_entity_poly.pdbx_strand_id   A
#
loop_
_chem_comp.id
_chem_comp.type
_chem_comp.name
_chem_comp.formula
FUC L-saccharide, alpha linking alpha-L-fucopyranose 'C6 H12 O5'
GAL D-saccharide, beta linking beta-D-galactopyranose 'C6 H12 O6'
NAG D-saccharide, beta linking 2-acetamido-2-deoxy-beta-D-glucopyranose 'C8 H15 N O6'
#
# COMPACT_ATOMS: atom_id res chain seq x y z
N VAL A 27 30.15 -1.76 3.29
CA VAL A 27 29.25 -2.95 3.12
C VAL A 27 28.17 -2.63 2.07
N GLN A 28 27.97 -3.55 1.13
CA GLN A 28 26.91 -3.38 0.13
C GLN A 28 25.56 -3.83 0.68
N MET A 29 24.54 -3.05 0.35
CA MET A 29 23.17 -3.39 0.69
C MET A 29 22.76 -4.73 0.04
N ARG A 30 21.98 -5.52 0.78
CA ARG A 30 21.49 -6.82 0.28
C ARG A 30 20.33 -6.64 -0.69
N THR A 31 19.69 -5.47 -0.64
CA THR A 31 18.58 -5.11 -1.50
C THR A 31 18.75 -3.64 -1.84
N THR A 32 18.55 -3.31 -3.11
CA THR A 32 18.48 -1.91 -3.52
C THR A 32 17.02 -1.50 -3.48
N ILE A 33 16.70 -0.54 -2.62
CA ILE A 33 15.33 0.00 -2.46
C ILE A 33 15.30 1.52 -2.56
N ASN A 34 14.67 2.02 -3.62
CA ASN A 34 14.46 3.45 -3.84
C ASN A 34 13.34 3.62 -4.86
N ASN A 35 13.05 4.85 -5.28
CA ASN A 35 12.00 5.08 -6.28
C ASN A 35 12.20 4.36 -7.62
N GLU A 36 13.46 4.14 -8.01
CA GLU A 36 13.79 3.42 -9.23
C GLU A 36 13.81 1.91 -9.00
N SER A 37 13.80 1.51 -7.74
CA SER A 37 13.89 0.09 -7.39
C SER A 37 13.01 -0.21 -6.16
N PRO A 38 11.68 -0.22 -6.34
CA PRO A 38 10.76 -0.46 -5.24
C PRO A 38 10.75 -1.94 -4.86
N LEU A 39 10.12 -2.28 -3.75
CA LEU A 39 10.05 -3.67 -3.27
C LEU A 39 8.63 -4.16 -3.01
N LEU A 40 8.34 -5.35 -3.56
CA LEU A 40 7.09 -6.03 -3.34
C LEU A 40 7.34 -7.23 -2.42
N LEU A 41 6.68 -7.21 -1.26
CA LEU A 41 6.72 -8.32 -0.33
C LEU A 41 5.48 -9.17 -0.51
N SER A 42 5.69 -10.50 -0.57
CA SER A 42 4.61 -11.48 -0.68
C SER A 42 4.84 -12.47 0.45
N PRO A 43 3.82 -12.68 1.31
CA PRO A 43 4.04 -13.42 2.55
C PRO A 43 3.71 -14.91 2.56
N LEU A 44 4.48 -15.64 3.36
CA LEU A 44 4.22 -17.05 3.67
C LEU A 44 4.06 -17.18 5.19
N TYR A 45 3.17 -18.08 5.60
CA TYR A 45 2.79 -18.24 7.00
C TYR A 45 3.09 -19.64 7.55
N GLY A 46 3.77 -19.69 8.70
CA GLY A 46 4.06 -20.95 9.37
C GLY A 46 2.83 -21.76 9.75
N ASN A 47 2.91 -23.07 9.48
CA ASN A 47 1.99 -24.06 10.04
C ASN A 47 2.83 -24.86 11.03
N ASP A 48 2.22 -25.23 12.16
CA ASP A 48 2.92 -26.00 13.20
C ASP A 48 2.79 -27.50 12.94
N ASN A 49 2.71 -27.85 11.66
CA ASN A 49 2.23 -29.12 11.17
C ASN A 49 2.60 -29.24 9.69
N GLY A 50 2.55 -30.47 9.15
CA GLY A 50 2.71 -30.70 7.71
C GLY A 50 4.07 -30.29 7.15
N ASN A 51 4.04 -29.73 5.94
CA ASN A 51 5.25 -29.20 5.30
C ASN A 51 5.76 -27.90 5.94
N GLY A 52 5.02 -27.40 6.94
CA GLY A 52 5.43 -26.23 7.70
C GLY A 52 4.84 -24.89 7.27
N LEU A 53 4.02 -24.89 6.21
CA LEU A 53 3.39 -23.63 5.76
C LEU A 53 1.86 -23.74 5.62
N TRP A 54 1.18 -22.62 5.85
CA TRP A 54 -0.27 -22.55 5.90
C TRP A 54 -0.80 -22.25 4.50
N TRP A 55 -2.10 -22.45 4.29
CA TRP A 55 -2.79 -22.18 3.01
C TRP A 55 -2.32 -23.02 1.81
N GLY A 56 -1.74 -24.18 2.09
CA GLY A 56 -1.34 -25.11 1.04
C GLY A 56 -0.18 -24.62 0.19
N ASN A 57 0.55 -23.61 0.66
CA ASN A 57 1.61 -22.99 -0.13
C ASN A 57 3.00 -23.58 0.12
N THR A 58 3.90 -23.37 -0.86
CA THR A 58 5.31 -23.75 -0.73
C THR A 58 6.16 -22.53 -1.05
N LEU A 59 7.38 -22.52 -0.52
CA LEU A 59 8.34 -21.47 -0.82
C LEU A 59 8.67 -21.43 -2.31
N LYS A 60 8.95 -22.58 -2.91
CA LYS A 60 9.20 -22.67 -4.35
C LYS A 60 8.04 -22.11 -5.17
N GLY A 61 6.82 -22.54 -4.82
CA GLY A 61 5.59 -22.04 -5.44
C GLY A 61 5.37 -20.53 -5.29
N ALA A 62 5.77 -20.00 -4.14
CA ALA A 62 5.74 -18.55 -3.90
C ALA A 62 6.60 -17.79 -4.90
N TRP A 63 7.84 -18.25 -5.09
CA TRP A 63 8.77 -17.57 -5.99
C TRP A 63 8.38 -17.74 -7.45
N GLU A 64 7.81 -18.90 -7.77
CA GLU A 64 7.31 -19.16 -9.12
C GLU A 64 6.12 -18.28 -9.48
N ALA A 65 5.39 -17.81 -8.46
CA ALA A 65 4.27 -16.90 -8.65
C ALA A 65 4.71 -15.47 -9.04
N ILE A 66 5.97 -15.13 -8.74
CA ILE A 66 6.48 -13.80 -9.00
C ILE A 66 6.92 -13.76 -10.45
N PRO A 67 6.30 -12.89 -11.27
CA PRO A 67 6.69 -12.85 -12.68
C PRO A 67 8.16 -12.44 -12.80
N GLU A 68 8.79 -12.80 -13.91
CA GLU A 68 10.24 -12.63 -14.08
C GLU A 68 10.72 -11.19 -14.08
N ASP A 69 9.92 -10.30 -14.64
CA ASP A 69 10.22 -8.87 -14.62
C ASP A 69 10.05 -8.23 -13.23
N VAL A 70 9.30 -8.91 -12.36
CA VAL A 70 9.05 -8.41 -11.00
C VAL A 70 10.09 -8.93 -10.01
N LYS A 71 10.58 -10.16 -10.22
CA LYS A 71 11.57 -10.77 -9.31
C LYS A 71 12.73 -9.88 -8.83
N PRO A 72 13.34 -9.08 -9.75
CA PRO A 72 14.43 -8.20 -9.26
C PRO A 72 13.98 -7.19 -8.22
N TYR A 73 12.67 -7.07 -8.02
CA TYR A 73 12.08 -6.05 -7.16
C TYR A 73 11.17 -6.69 -6.12
N ALA A 74 11.37 -7.97 -5.88
CA ALA A 74 10.50 -8.76 -5.01
C ALA A 74 11.27 -9.57 -3.99
N ALA A 75 10.59 -9.91 -2.89
CA ALA A 75 11.09 -10.87 -1.93
C ALA A 75 9.91 -11.55 -1.22
N ILE A 76 10.22 -12.63 -0.51
CA ILE A 76 9.22 -13.37 0.26
C ILE A 76 9.32 -13.09 1.77
N GLU A 77 8.19 -12.79 2.39
CA GLU A 77 8.13 -12.65 3.86
C GLU A 77 7.82 -14.00 4.49
N LEU A 78 8.59 -14.37 5.51
CA LEU A 78 8.37 -15.58 6.28
C LEU A 78 7.86 -15.23 7.68
N HIS A 79 6.56 -15.36 7.86
CA HIS A 79 5.90 -15.13 9.14
C HIS A 79 5.70 -16.49 9.82
N PRO A 80 6.27 -16.68 11.05
CA PRO A 80 6.17 -17.98 11.73
C PRO A 80 4.74 -18.38 12.08
N ALA A 81 3.88 -17.40 12.37
CA ALA A 81 2.46 -17.64 12.53
C ALA A 81 2.13 -18.75 13.54
N LYS A 82 1.61 -19.88 13.04
CA LYS A 82 1.12 -20.97 13.89
C LYS A 82 2.24 -21.72 14.61
N VAL A 83 3.48 -21.49 14.17
CA VAL A 83 4.66 -22.03 14.82
C VAL A 83 4.89 -21.33 16.17
N CYS A 84 4.36 -20.11 16.30
CA CYS A 84 4.47 -19.34 17.53
C CYS A 84 3.61 -19.98 18.63
N LYS A 85 4.15 -20.02 19.83
CA LYS A 85 3.49 -20.61 21.00
C LYS A 85 3.84 -19.75 22.22
N PRO A 86 2.87 -19.54 23.15
CA PRO A 86 1.48 -20.03 23.22
C PRO A 86 0.49 -19.45 22.20
N THR A 87 0.80 -18.28 21.65
CA THR A 87 -0.11 -17.60 20.74
C THR A 87 0.41 -17.50 19.31
N SER A 88 -0.45 -17.90 18.37
CA SER A 88 -0.18 -17.83 16.95
C SER A 88 0.11 -16.38 16.51
N CYS A 89 1.17 -16.23 15.73
CA CYS A 89 1.66 -14.94 15.21
C CYS A 89 2.40 -14.06 16.20
N ILE A 90 2.56 -14.53 17.46
CA ILE A 90 3.38 -13.80 18.45
C ILE A 90 4.71 -14.53 18.66
N PRO A 91 5.80 -14.03 18.04
CA PRO A 91 7.05 -14.80 17.91
C PRO A 91 7.97 -14.79 19.15
N ARG A 92 7.49 -15.38 20.24
CA ARG A 92 8.31 -15.66 21.40
C ARG A 92 9.41 -16.65 21.04
N ASP A 93 10.65 -16.31 21.40
CA ASP A 93 11.81 -17.14 21.21
C ASP A 93 11.59 -18.55 21.79
N THR A 94 11.47 -19.55 20.91
CA THR A 94 11.45 -20.96 21.33
C THR A 94 12.42 -21.77 20.48
N LYS A 95 12.68 -23.00 20.91
CA LYS A 95 13.48 -23.95 20.13
C LYS A 95 12.80 -24.23 18.79
N GLU A 96 11.47 -24.34 18.82
CA GLU A 96 10.66 -24.66 17.66
C GLU A 96 10.58 -23.52 16.63
N LEU A 97 10.52 -22.29 17.13
CA LEU A 97 10.58 -21.09 16.29
C LEU A 97 11.89 -20.95 15.51
N ARG A 98 13.01 -21.09 16.23
CA ARG A 98 14.34 -21.01 15.62
C ARG A 98 14.53 -22.12 14.60
N GLU A 99 14.06 -23.32 14.94
CA GLU A 99 14.05 -24.45 14.01
C GLU A 99 13.36 -24.06 12.71
N TRP A 100 12.17 -23.49 12.83
CA TRP A 100 11.36 -23.10 11.67
C TRP A 100 12.04 -22.02 10.82
N TYR A 101 12.62 -21.01 11.48
CA TYR A 101 13.36 -19.97 10.75
C TYR A 101 14.50 -20.61 9.93
N VAL A 102 15.30 -21.45 10.59
CA VAL A 102 16.42 -22.17 9.99
C VAL A 102 15.98 -23.09 8.84
N LYS A 103 14.92 -23.86 9.05
CA LYS A 103 14.36 -24.71 7.98
C LYS A 103 14.05 -23.92 6.69
N MET A 104 13.35 -22.80 6.88
CA MET A 104 12.90 -21.96 5.79
C MET A 104 14.06 -21.21 5.14
N LEU A 105 14.99 -20.73 5.96
CA LEU A 105 16.23 -20.14 5.48
C LEU A 105 17.01 -21.13 4.62
N GLU A 106 17.15 -22.37 5.12
CA GLU A 106 17.85 -23.42 4.39
C GLU A 106 17.22 -23.63 3.02
N GLU A 107 15.90 -23.79 2.99
CA GLU A 107 15.17 -24.00 1.76
C GLU A 107 15.31 -22.80 0.82
N ALA A 108 15.17 -21.59 1.36
CA ALA A 108 15.31 -20.35 0.58
C ALA A 108 16.70 -20.22 -0.07
N GLN A 109 17.74 -20.63 0.65
CA GLN A 109 19.12 -20.56 0.14
C GLN A 109 19.38 -21.51 -1.03
N SER A 110 19.05 -22.79 -0.87
CA SER A 110 19.24 -23.74 -1.96
C SER A 110 18.50 -23.28 -3.22
N LEU A 111 17.40 -22.54 -3.03
CA LEU A 111 16.60 -22.05 -4.13
C LEU A 111 16.92 -20.61 -4.53
N ASN A 112 17.82 -19.97 -3.80
CA ASN A 112 18.14 -18.55 -3.99
C ASN A 112 16.93 -17.59 -4.03
N ILE A 113 16.06 -17.75 -3.05
CA ILE A 113 14.89 -16.91 -2.89
C ILE A 113 15.18 -15.85 -1.81
N PRO A 114 15.09 -14.55 -2.17
CA PRO A 114 15.28 -13.48 -1.17
C PRO A 114 14.13 -13.47 -0.17
N VAL A 115 14.45 -13.55 1.12
CA VAL A 115 13.43 -13.61 2.16
C VAL A 115 13.65 -12.57 3.26
N PHE A 116 12.56 -12.20 3.94
CA PHE A 116 12.59 -11.44 5.18
C PHE A 116 11.84 -12.25 6.26
N LEU A 117 12.36 -12.25 7.47
CA LEU A 117 11.71 -12.96 8.58
C LEU A 117 10.92 -12.00 9.47
N VAL A 118 9.66 -12.34 9.77
CA VAL A 118 8.93 -11.63 10.82
C VAL A 118 9.44 -12.11 12.16
N ILE A 119 10.18 -11.25 12.85
CA ILE A 119 10.77 -11.62 14.16
C ILE A 119 10.18 -10.85 15.33
N MET A 120 9.31 -9.89 15.05
CA MET A 120 8.64 -9.12 16.08
C MET A 120 7.18 -8.91 15.71
N SER A 121 6.31 -9.00 16.71
CA SER A 121 4.86 -8.81 16.50
C SER A 121 4.09 -8.81 17.83
N ALA A 122 3.01 -8.05 17.87
CA ALA A 122 2.02 -8.08 18.96
C ALA A 122 2.58 -7.93 20.39
N GLY A 123 3.51 -6.99 20.56
CA GLY A 123 4.06 -6.64 21.88
C GLY A 123 5.05 -7.60 22.50
N GLU A 124 5.45 -8.63 21.75
CA GLU A 124 6.35 -9.64 22.29
C GLU A 124 7.68 -9.03 22.69
N ARG A 125 8.01 -9.18 23.97
CA ARG A 125 9.25 -8.68 24.53
C ARG A 125 10.40 -9.68 24.38
N ASN A 126 10.07 -10.97 24.29
CA ASN A 126 11.08 -12.03 24.23
C ASN A 126 11.19 -12.71 22.86
N THR A 127 11.76 -11.95 21.94
CA THR A 127 11.93 -12.35 20.55
C THR A 127 13.36 -12.89 20.42
N VAL A 128 13.72 -13.38 19.22
CA VAL A 128 15.01 -14.02 18.99
C VAL A 128 16.17 -13.06 19.28
N PRO A 129 17.22 -13.53 19.98
CA PRO A 129 18.30 -12.62 20.35
C PRO A 129 18.99 -11.99 19.15
N PRO A 130 19.44 -10.73 19.29
CA PRO A 130 20.22 -10.02 18.27
C PRO A 130 21.42 -10.85 17.79
N GLU A 131 22.11 -11.50 18.73
CA GLU A 131 23.23 -12.41 18.46
C GLU A 131 22.87 -13.51 17.46
N TRP A 132 21.73 -14.15 17.68
CA TRP A 132 21.19 -15.20 16.76
C TRP A 132 20.92 -14.68 15.34
N LEU A 133 20.30 -13.51 15.24
CA LEU A 133 19.99 -12.92 13.95
C LEU A 133 21.29 -12.64 13.21
N ASP A 134 22.26 -12.10 13.95
CA ASP A 134 23.58 -11.78 13.44
C ASP A 134 24.21 -12.99 12.74
N GLU A 135 24.13 -14.16 13.37
CA GLU A 135 24.65 -15.40 12.82
C GLU A 135 23.88 -15.83 11.57
N GLN A 136 22.56 -15.63 11.57
CA GLN A 136 21.76 -15.98 10.40
C GLN A 136 22.16 -15.15 9.20
N PHE A 137 22.42 -13.85 9.42
CA PHE A 137 22.97 -12.97 8.38
C PHE A 137 24.32 -13.43 7.80
N GLN A 138 25.22 -13.91 8.67
CA GLN A 138 26.51 -14.47 8.25
C GLN A 138 26.33 -15.68 7.34
N LYS A 139 25.39 -16.55 7.72
CA LYS A 139 25.23 -17.83 7.04
C LYS A 139 24.41 -17.77 5.75
N TYR A 140 23.45 -16.83 5.68
CA TYR A 140 22.49 -16.82 4.56
C TYR A 140 22.47 -15.48 3.83
N SER A 141 22.95 -15.50 2.59
CA SER A 141 22.92 -14.31 1.73
C SER A 141 21.52 -14.04 1.15
N VAL A 142 20.60 -14.99 1.31
CA VAL A 142 19.19 -14.76 0.95
C VAL A 142 18.44 -13.97 2.02
N LEU A 143 18.98 -13.94 3.24
CA LEU A 143 18.35 -13.21 4.31
C LEU A 143 18.60 -11.72 4.07
N LYS A 144 17.55 -11.02 3.64
CA LYS A 144 17.62 -9.64 3.21
C LYS A 144 17.25 -8.68 4.34
N GLY A 145 16.63 -9.22 5.38
CA GLY A 145 16.29 -8.44 6.55
C GLY A 145 15.15 -9.04 7.33
N VAL A 146 14.53 -8.22 8.17
CA VAL A 146 13.50 -8.69 9.12
C VAL A 146 12.34 -7.71 9.26
N LEU A 147 11.24 -8.20 9.86
CA LEU A 147 10.06 -7.38 10.08
C LEU A 147 9.58 -7.36 11.52
N ASN A 148 9.12 -6.18 11.93
CA ASN A 148 8.30 -5.95 13.10
C ASN A 148 6.89 -5.53 12.59
N ILE A 149 5.86 -6.32 12.94
CA ILE A 149 4.50 -6.07 12.44
C ILE A 149 3.43 -6.00 13.54
N ALA A 150 2.72 -4.89 13.60
CA ALA A 150 1.46 -4.74 14.38
C ALA A 150 1.56 -4.81 15.92
N ASN A 151 1.61 -3.65 16.55
CA ASN A 151 1.76 -3.50 18.01
C ASN A 151 0.84 -2.42 18.60
N TYR A 152 0.14 -1.70 17.73
CA TYR A 152 -0.65 -0.50 18.14
C TYR A 152 -1.64 -0.78 19.27
N TRP A 153 -2.09 -2.03 19.34
CA TRP A 153 -3.09 -2.44 20.30
C TRP A 153 -2.49 -3.01 21.61
N ILE A 154 -1.16 -3.12 21.64
CA ILE A 154 -0.48 -3.78 22.75
C ILE A 154 0.93 -3.22 23.01
N TYR A 155 1.01 -1.90 23.09
CA TYR A 155 2.29 -1.21 23.20
C TYR A 155 2.99 -1.49 24.53
N ASN A 156 4.31 -1.63 24.47
CA ASN A 156 5.16 -1.57 25.68
C ASN A 156 6.48 -0.83 25.36
N ASN A 157 7.24 -0.45 26.39
CA ASN A 157 8.42 0.39 26.21
C ASN A 157 9.69 -0.32 25.73
N GLN A 158 9.59 -1.64 25.50
CA GLN A 158 10.72 -2.41 25.00
C GLN A 158 10.70 -2.56 23.47
N LEU A 159 9.57 -2.23 22.84
CA LEU A 159 9.45 -2.44 21.38
C LEU A 159 10.39 -1.56 20.56
N ALA A 160 10.42 -0.27 20.87
CA ALA A 160 11.33 0.66 20.22
C ALA A 160 12.82 0.31 20.44
N PRO A 161 13.27 0.14 21.71
CA PRO A 161 14.66 -0.25 21.97
C PRO A 161 15.08 -1.56 21.29
N HIS A 162 14.24 -2.58 21.38
CA HIS A 162 14.52 -3.87 20.75
C HIS A 162 14.64 -3.73 19.24
N SER A 163 13.71 -3.00 18.62
CA SER A 163 13.78 -2.67 17.19
C SER A 163 15.07 -1.94 16.84
N ALA A 164 15.45 -0.97 17.67
CA ALA A 164 16.73 -0.25 17.48
C ALA A 164 17.93 -1.22 17.43
N LYS A 165 18.02 -2.11 18.40
CA LYS A 165 19.08 -3.11 18.42
C LYS A 165 19.09 -3.99 17.17
N TYR A 166 17.92 -4.51 16.78
CA TYR A 166 17.78 -5.27 15.51
C TYR A 166 18.19 -4.46 14.29
N LEU A 167 17.80 -3.20 14.25
CA LEU A 167 18.20 -2.29 13.17
C LEU A 167 19.74 -2.21 13.09
N GLU A 168 20.38 -2.02 14.23
CA GLU A 168 21.85 -2.02 14.31
C GLU A 168 22.49 -3.29 13.70
N VAL A 169 21.88 -4.46 13.92
CA VAL A 169 22.36 -5.73 13.32
C VAL A 169 22.18 -5.70 11.80
N CYS A 170 21.01 -5.25 11.36
CA CYS A 170 20.74 -5.10 9.92
C CYS A 170 21.78 -4.21 9.24
N ALA A 171 22.11 -3.08 9.85
CA ALA A 171 23.09 -2.15 9.31
C ALA A 171 24.45 -2.83 9.13
N LYS A 172 24.80 -3.68 10.08
CA LYS A 172 26.08 -4.39 10.06
C LYS A 172 26.19 -5.27 8.81
N TYR A 173 25.05 -5.73 8.30
CA TYR A 173 25.04 -6.70 7.19
C TYR A 173 24.39 -6.20 5.89
N GLY A 174 24.18 -4.90 5.79
CA GLY A 174 23.58 -4.31 4.61
C GLY A 174 22.13 -4.76 4.41
N ALA A 175 21.44 -5.08 5.51
CA ALA A 175 20.06 -5.53 5.44
C ALA A 175 19.07 -4.43 5.80
N HIS A 176 17.77 -4.71 5.70
CA HIS A 176 16.71 -3.77 6.07
C HIS A 176 15.86 -4.24 7.24
N PHE A 177 15.62 -3.35 8.19
CA PHE A 177 14.60 -3.56 9.21
C PHE A 177 13.32 -2.87 8.74
N ILE A 178 12.23 -3.64 8.63
CA ILE A 178 10.95 -3.11 8.15
C ILE A 178 9.90 -3.17 9.25
N TRP A 179 9.39 -2.01 9.65
CA TRP A 179 8.39 -1.89 10.70
C TRP A 179 7.03 -1.47 10.11
N HIS A 180 6.05 -2.39 10.13
CA HIS A 180 4.65 -2.11 9.78
C HIS A 180 3.86 -1.84 11.07
N ASP A 181 3.37 -0.61 11.24
CA ASP A 181 2.47 -0.29 12.37
C ASP A 181 1.54 0.88 12.02
N HIS A 182 0.70 1.28 12.96
CA HIS A 182 -0.37 2.24 12.65
C HIS A 182 -0.78 3.13 13.80
N GLU A 183 -1.48 4.21 13.45
CA GLU A 183 -2.14 5.16 14.38
C GLU A 183 -1.17 6.25 14.75
N LYS A 184 -1.70 7.46 14.95
CA LYS A 184 -0.86 8.65 15.15
C LYS A 184 -0.13 8.63 16.47
N TRP A 185 -0.86 8.35 17.56
CA TRP A 185 -0.28 8.37 18.90
C TRP A 185 0.85 7.35 18.97
N PHE A 186 0.66 6.20 18.32
CA PHE A 186 1.64 5.14 18.34
C PHE A 186 2.95 5.56 17.64
N TRP A 187 2.85 6.03 16.40
CA TRP A 187 4.05 6.47 15.68
C TRP A 187 4.71 7.65 16.37
N GLU A 188 3.92 8.56 16.95
CA GLU A 188 4.53 9.65 17.72
C GLU A 188 5.35 9.05 18.87
N THR A 189 4.74 8.12 19.60
CA THR A 189 5.35 7.45 20.75
C THR A 189 6.64 6.70 20.40
N ILE A 190 6.68 6.07 19.22
CA ILE A 190 7.84 5.28 18.81
C ILE A 190 9.07 6.15 18.56
N MET A 191 8.88 7.27 17.87
CA MET A 191 10.02 8.12 17.51
C MET A 191 10.38 9.14 18.61
N ASN A 192 9.55 9.21 19.65
CA ASN A 192 9.89 9.91 20.89
C ASN A 192 10.84 9.11 21.77
N ASP A 193 10.95 7.80 21.52
CA ASP A 193 11.89 6.95 22.24
C ASP A 193 13.32 7.37 21.91
N PRO A 194 14.15 7.62 22.94
CA PRO A 194 15.53 8.08 22.72
C PRO A 194 16.34 7.08 21.90
N THR A 195 16.32 5.82 22.34
CA THR A 195 17.02 4.73 21.65
C THR A 195 16.62 4.59 20.18
N PHE A 196 15.33 4.49 19.89
CA PHE A 196 14.92 4.35 18.48
C PHE A 196 15.20 5.58 17.63
N PHE A 197 15.01 6.76 18.21
CA PHE A 197 15.29 8.00 17.50
C PHE A 197 16.79 8.14 17.12
N GLU A 198 17.68 7.74 18.04
CA GLU A 198 19.12 7.77 17.80
C GLU A 198 19.52 6.74 16.76
N ALA A 199 18.86 5.60 16.77
CA ALA A 199 19.16 4.52 15.84
C ALA A 199 18.67 4.86 14.42
N SER A 200 17.51 5.51 14.34
CA SER A 200 16.96 5.93 13.04
C SER A 200 17.87 6.95 12.39
N GLN A 201 18.44 7.84 13.21
CA GLN A 201 19.34 8.89 12.71
C GLN A 201 20.65 8.31 12.16
N LYS A 202 21.08 7.21 12.74
CA LYS A 202 22.31 6.54 12.29
C LYS A 202 22.09 5.58 11.14
N TYR A 203 21.01 4.80 11.22
CA TYR A 203 20.83 3.67 10.33
C TYR A 203 19.64 3.79 9.37
N HIS A 204 19.23 5.03 9.11
CA HIS A 204 18.13 5.34 8.19
C HIS A 204 18.20 4.56 6.87
N LYS A 205 19.41 4.27 6.39
CA LYS A 205 19.58 3.56 5.13
C LYS A 205 18.94 2.17 5.23
N ASN A 206 19.06 1.57 6.41
CA ASN A 206 18.57 0.23 6.68
C ASN A 206 17.15 0.18 7.27
N LEU A 207 16.49 1.31 7.41
CA LEU A 207 15.16 1.35 8.03
C LEU A 207 14.03 1.65 7.02
N VAL A 208 12.97 0.84 7.07
CA VAL A 208 11.74 1.12 6.33
C VAL A 208 10.63 1.24 7.37
N LEU A 209 10.00 2.42 7.43
CA LEU A 209 8.83 2.60 8.29
C LEU A 209 7.61 2.57 7.40
N ALA A 210 6.55 1.90 7.86
CA ALA A 210 5.45 1.51 6.98
C ALA A 210 4.11 1.41 7.72
N THR A 211 3.03 1.74 7.00
CA THR A 211 1.69 1.75 7.59
C THR A 211 1.14 0.33 7.68
N LYS A 212 -0.01 0.19 8.35
CA LYS A 212 -0.78 -1.06 8.38
C LYS A 212 -2.22 -0.76 8.80
N ASN A 213 -3.05 -0.38 7.83
CA ASN A 213 -4.37 0.22 8.11
C ASN A 213 -5.47 -0.72 8.54
N THR A 214 -5.07 -1.90 9.01
CA THR A 214 -5.96 -2.86 9.65
C THR A 214 -6.98 -2.29 10.66
N PRO A 215 -6.53 -1.46 11.62
CA PRO A 215 -7.42 -1.09 12.72
C PRO A 215 -8.41 0.02 12.41
N ILE A 216 -8.55 0.35 11.13
CA ILE A 216 -9.57 1.30 10.64
C ILE A 216 -9.67 2.60 11.49
N ARG A 217 -8.50 3.15 11.83
CA ARG A 217 -8.35 4.45 12.49
C ARG A 217 -7.18 5.14 11.83
N ASP A 218 -7.17 6.48 11.88
CA ASP A 218 -5.98 7.29 11.63
C ASP A 218 -5.27 7.08 10.27
N ASP A 219 -6.01 6.74 9.22
CA ASP A 219 -5.37 6.43 7.93
C ASP A 219 -4.60 7.61 7.31
N ALA A 220 -5.20 8.80 7.32
CA ALA A 220 -4.55 10.01 6.81
C ALA A 220 -3.39 10.45 7.70
N GLY A 221 -3.63 10.51 9.01
CA GLY A 221 -2.62 10.86 9.97
C GLY A 221 -1.40 9.96 9.90
N THR A 222 -1.63 8.66 9.71
CA THR A 222 -0.55 7.69 9.64
C THR A 222 0.33 7.89 8.39
N ASP A 223 -0.30 8.09 7.24
CA ASP A 223 0.39 8.37 5.99
C ASP A 223 1.27 9.62 6.10
N SER A 224 0.75 10.64 6.78
CA SER A 224 1.46 11.91 7.01
C SER A 224 2.68 11.79 7.89
N ILE A 225 2.54 11.08 9.01
CA ILE A 225 3.61 10.91 9.98
C ILE A 225 4.71 9.98 9.44
N VAL A 226 4.29 8.87 8.83
CA VAL A 226 5.22 7.88 8.30
C VAL A 226 5.99 8.42 7.08
N SER A 227 5.28 8.92 6.07
CA SER A 227 5.96 9.63 4.98
C SER A 227 6.79 10.80 5.54
N GLY A 228 6.27 11.44 6.61
CA GLY A 228 6.96 12.54 7.30
C GLY A 228 8.33 12.15 7.85
N PHE A 229 8.41 10.92 8.38
CA PHE A 229 9.67 10.32 8.83
C PHE A 229 10.71 10.20 7.70
N TRP A 230 10.25 9.79 6.53
CA TRP A 230 11.10 9.62 5.35
C TRP A 230 11.63 10.98 4.90
N LEU A 231 10.75 11.97 4.87
CA LEU A 231 11.13 13.35 4.54
C LEU A 231 12.10 13.99 5.54
N SER A 232 12.02 13.58 6.81
CA SER A 232 12.89 14.07 7.88
C SER A 232 14.23 13.33 7.95
N GLY A 233 14.43 12.36 7.07
CA GLY A 233 15.70 11.62 7.02
C GLY A 233 15.85 10.53 8.07
N LEU A 234 14.76 10.12 8.70
CA LEU A 234 14.80 9.11 9.76
C LEU A 234 14.72 7.66 9.25
N CYS A 235 14.34 7.52 7.99
CA CYS A 235 14.31 6.23 7.30
C CYS A 235 14.39 6.54 5.80
N ASP A 236 15.14 5.73 5.05
CA ASP A 236 15.43 6.04 3.64
C ASP A 236 14.28 5.66 2.71
N ASN A 237 13.38 4.82 3.21
CA ASN A 237 12.22 4.36 2.47
C ASN A 237 11.02 4.23 3.38
N TRP A 238 9.83 4.50 2.84
CA TRP A 238 8.61 4.16 3.54
C TRP A 238 7.65 3.34 2.65
N GLY A 239 6.60 2.80 3.26
CA GLY A 239 5.61 2.05 2.49
C GLY A 239 4.43 1.62 3.33
N SER A 240 3.88 0.46 3.00
CA SER A 240 2.63 0.04 3.58
C SER A 240 2.43 -1.48 3.65
N SER A 241 1.65 -1.90 4.62
CA SER A 241 0.95 -3.19 4.57
C SER A 241 -0.53 -2.88 4.32
N THR A 242 -0.99 -3.26 3.14
CA THR A 242 -2.35 -3.03 2.69
C THR A 242 -3.15 -4.26 3.10
N ASP A 243 -4.08 -4.07 4.03
CA ASP A 243 -4.68 -5.22 4.70
C ASP A 243 -6.16 -5.30 4.44
N THR A 244 -6.56 -6.37 3.74
CA THR A 244 -7.94 -6.57 3.32
C THR A 244 -8.84 -7.02 4.45
N TRP A 245 -8.23 -7.41 5.59
CA TRP A 245 -8.96 -7.60 6.84
C TRP A 245 -9.72 -6.35 7.28
N LYS A 246 -9.32 -5.17 6.78
CA LYS A 246 -10.03 -3.92 7.09
C LYS A 246 -11.49 -4.00 6.66
N TRP A 247 -11.75 -4.77 5.59
CA TRP A 247 -13.09 -5.01 5.07
C TRP A 247 -13.93 -5.74 6.12
N TRP A 248 -13.28 -6.64 6.85
CA TRP A 248 -13.87 -7.37 7.97
C TRP A 248 -14.07 -6.45 9.19
N GLU A 249 -13.10 -5.60 9.49
CA GLU A 249 -13.21 -4.64 10.60
C GLU A 249 -14.43 -3.70 10.46
N LYS A 250 -14.72 -3.33 9.21
CA LYS A 250 -15.87 -2.49 8.85
C LYS A 250 -17.21 -3.23 8.86
N HIS A 251 -17.17 -4.57 9.00
CA HIS A 251 -18.35 -5.46 8.87
C HIS A 251 -18.88 -5.50 7.43
N TYR A 252 -18.05 -5.14 6.47
CA TYR A 252 -18.47 -5.16 5.08
C TYR A 252 -18.48 -6.63 4.58
N THR A 253 -19.32 -6.92 3.60
CA THR A 253 -19.41 -8.29 3.08
C THR A 253 -19.23 -8.27 1.57
N ASN A 254 -20.22 -8.79 0.82
CA ASN A 254 -20.21 -8.63 -0.63
C ASN A 254 -20.22 -7.14 -1.03
N THR A 255 -19.64 -6.83 -2.18
CA THR A 255 -19.51 -5.44 -2.62
C THR A 255 -20.88 -4.76 -2.57
N PHE A 256 -20.90 -3.58 -1.94
CA PHE A 256 -22.11 -2.73 -1.73
C PHE A 256 -23.24 -3.33 -0.85
N GLU A 257 -23.11 -4.59 -0.47
CA GLU A 257 -24.10 -5.28 0.37
C GLU A 257 -24.15 -4.74 1.81
N THR A 258 -25.35 -4.63 2.38
CA THR A 258 -25.51 -4.33 3.82
C THR A 258 -26.37 -5.37 4.54
N GLY A 259 -26.27 -5.40 5.87
CA GLY A 259 -27.12 -6.26 6.69
C GLY A 259 -26.79 -7.74 6.70
N ARG A 260 -25.60 -8.10 6.24
CA ARG A 260 -25.12 -9.48 6.36
C ARG A 260 -23.95 -9.54 7.35
N ALA A 261 -23.95 -10.59 8.17
CA ALA A 261 -22.89 -10.83 9.15
C ALA A 261 -21.54 -11.07 8.47
N ARG A 262 -20.49 -10.47 9.02
CA ARG A 262 -19.14 -10.67 8.49
C ARG A 262 -18.64 -12.07 8.83
N ASP A 263 -17.67 -12.54 8.05
CA ASP A 263 -16.87 -13.69 8.42
C ASP A 263 -15.55 -13.59 7.66
N MET A 264 -14.79 -14.68 7.57
CA MET A 264 -13.49 -14.61 6.88
C MET A 264 -13.59 -14.24 5.41
N ARG A 265 -14.76 -14.45 4.82
CA ARG A 265 -14.95 -14.09 3.40
C ARG A 265 -14.85 -12.58 3.16
N SER A 266 -15.00 -11.81 4.23
CA SER A 266 -14.81 -10.37 4.21
C SER A 266 -13.38 -9.95 3.87
N TYR A 267 -12.39 -10.67 4.38
CA TYR A 267 -11.02 -10.41 3.92
C TYR A 267 -10.79 -10.74 2.43
N ALA A 268 -11.74 -11.43 1.81
CA ALA A 268 -11.63 -11.81 0.41
C ALA A 268 -12.53 -10.97 -0.49
N SER A 269 -12.92 -9.80 0.01
CA SER A 269 -13.98 -9.01 -0.59
C SER A 269 -13.65 -7.51 -0.85
N GLU A 270 -12.50 -7.04 -0.36
CA GLU A 270 -12.06 -5.71 -0.76
C GLU A 270 -11.75 -5.77 -2.27
N PRO A 271 -12.34 -4.87 -3.06
CA PRO A 271 -12.16 -4.96 -4.52
C PRO A 271 -10.70 -5.00 -4.94
N GLU A 272 -10.40 -5.81 -5.95
CA GLU A 272 -9.03 -5.95 -6.44
C GLU A 272 -8.39 -4.60 -6.78
N SER A 273 -9.08 -3.78 -7.58
CA SER A 273 -8.51 -2.49 -7.97
C SER A 273 -8.32 -1.54 -6.78
N MET A 274 -9.13 -1.70 -5.73
CA MET A 274 -9.02 -0.84 -4.52
C MET A 274 -7.71 -1.09 -3.78
N ILE A 275 -7.28 -2.35 -3.75
CA ILE A 275 -5.95 -2.71 -3.27
C ILE A 275 -4.86 -1.87 -3.97
N ALA A 276 -4.97 -1.76 -5.30
CA ALA A 276 -4.09 -0.95 -6.12
C ALA A 276 -4.20 0.55 -5.82
N MET A 277 -5.41 1.02 -5.52
CA MET A 277 -5.63 2.42 -5.15
C MET A 277 -4.93 2.80 -3.84
N GLU A 278 -4.99 1.88 -2.86
CA GLU A 278 -4.22 2.00 -1.63
C GLU A 278 -2.69 2.03 -1.90
N MET A 279 -2.22 1.22 -2.83
CA MET A 279 -0.82 1.28 -3.30
C MET A 279 -0.51 2.64 -3.93
N MET A 280 -1.47 3.15 -4.73
CA MET A 280 -1.32 4.47 -5.36
C MET A 280 -1.12 5.60 -4.35
N ASN A 281 -1.88 5.57 -3.25
CA ASN A 281 -1.63 6.50 -2.12
C ASN A 281 -0.17 6.52 -1.65
N VAL A 282 0.46 5.34 -1.62
CA VAL A 282 1.85 5.16 -1.19
C VAL A 282 2.83 5.61 -2.27
N TYR A 283 2.73 5.02 -3.45
CA TYR A 283 3.46 5.45 -4.65
C TYR A 283 3.55 6.97 -4.85
N THR A 284 2.39 7.63 -4.90
CA THR A 284 2.33 9.08 -5.16
C THR A 284 2.85 9.95 -3.99
N GLY A 285 2.91 9.35 -2.80
CA GLY A 285 3.49 10.01 -1.63
C GLY A 285 4.99 9.77 -1.51
N GLY A 286 5.57 9.04 -2.44
CA GLY A 286 7.00 8.84 -2.47
C GLY A 286 7.37 7.50 -1.88
N GLY A 287 6.35 6.75 -1.48
CA GLY A 287 6.49 5.43 -0.88
C GLY A 287 7.03 4.42 -1.86
N THR A 288 7.52 3.30 -1.35
CA THR A 288 8.45 2.50 -2.13
C THR A 288 8.46 0.99 -1.78
N VAL A 289 7.79 0.64 -0.67
CA VAL A 289 7.71 -0.76 -0.23
C VAL A 289 6.24 -1.19 -0.04
N TYR A 290 5.88 -2.33 -0.64
CA TYR A 290 4.49 -2.79 -0.66
C TYR A 290 4.33 -4.19 -0.09
N ASN A 291 3.44 -4.33 0.89
CA ASN A 291 3.18 -5.60 1.57
C ASN A 291 1.66 -5.76 1.77
N PHE A 292 1.20 -6.99 1.99
CA PHE A 292 -0.23 -7.31 1.94
C PHE A 292 -0.68 -8.42 2.87
N GLU A 293 -1.94 -8.27 3.32
CA GLU A 293 -2.72 -9.29 4.01
C GLU A 293 -4.17 -9.08 3.55
N CYS A 294 -5.05 -10.08 3.63
CA CYS A 294 -4.74 -11.45 3.98
C CYS A 294 -4.26 -12.20 2.74
N ALA A 295 -3.12 -12.90 2.88
CA ALA A 295 -2.43 -13.58 1.76
C ALA A 295 -3.27 -14.61 1.01
N ALA A 296 -4.27 -15.19 1.68
CA ALA A 296 -5.15 -16.18 1.05
C ALA A 296 -5.96 -15.51 -0.06
N TYR A 297 -6.17 -14.20 0.09
CA TYR A 297 -6.81 -13.40 -0.94
C TYR A 297 -5.80 -12.62 -1.78
N THR A 298 -4.88 -11.94 -1.13
CA THR A 298 -3.99 -10.99 -1.79
C THR A 298 -2.82 -11.66 -2.49
N PHE A 299 -2.60 -12.96 -2.23
CA PHE A 299 -1.40 -13.63 -2.80
C PHE A 299 -1.68 -14.96 -3.52
N MET A 300 -1.95 -16.02 -2.76
CA MET A 300 -1.89 -17.38 -3.25
C MET A 300 -2.45 -18.36 -2.21
N THR A 301 -3.15 -19.39 -2.69
CA THR A 301 -3.45 -20.59 -1.91
C THR A 301 -3.18 -21.82 -2.78
N ASN A 302 -2.75 -22.92 -2.18
CA ASN A 302 -2.39 -24.16 -2.92
C ASN A 302 -1.45 -23.88 -4.12
N ASP A 303 -0.54 -22.92 -3.95
CA ASP A 303 0.41 -22.47 -5.00
C ASP A 303 -0.22 -21.90 -6.27
N VAL A 304 -1.49 -21.52 -6.17
CA VAL A 304 -2.22 -20.90 -7.27
C VAL A 304 -2.39 -19.42 -6.95
N PRO A 305 -1.67 -18.54 -7.67
CA PRO A 305 -1.86 -17.08 -7.49
C PRO A 305 -3.30 -16.66 -7.73
N THR A 306 -3.75 -15.68 -6.97
CA THR A 306 -5.14 -15.19 -7.08
C THR A 306 -5.22 -14.06 -8.10
N PRO A 307 -6.44 -13.76 -8.59
CA PRO A 307 -6.70 -12.58 -9.43
C PRO A 307 -6.38 -11.25 -8.73
N ALA A 308 -6.57 -11.17 -7.41
CA ALA A 308 -6.17 -9.98 -6.63
C ALA A 308 -4.67 -9.72 -6.78
N PHE A 309 -3.89 -10.79 -6.81
CA PHE A 309 -2.45 -10.66 -6.99
C PHE A 309 -2.07 -10.33 -8.43
N THR A 310 -2.47 -11.20 -9.36
CA THR A 310 -2.10 -11.09 -10.79
C THR A 310 -2.72 -9.91 -11.53
N LYS A 311 -3.95 -9.55 -11.12
CA LYS A 311 -4.73 -8.52 -11.82
C LYS A 311 -5.03 -7.26 -10.98
N GLY A 312 -4.52 -7.21 -9.75
CA GLY A 312 -4.68 -6.05 -8.87
C GLY A 312 -3.35 -5.45 -8.43
N ILE A 313 -2.57 -6.25 -7.70
CA ILE A 313 -1.31 -5.83 -7.15
C ILE A 313 -0.20 -5.81 -8.21
N ILE A 314 -0.10 -6.89 -9.00
CA ILE A 314 0.97 -6.97 -10.00
C ILE A 314 0.91 -5.81 -10.99
N PRO A 315 -0.27 -5.57 -11.62
CA PRO A 315 -0.28 -4.48 -12.60
C PRO A 315 0.10 -3.13 -12.01
N PHE A 316 -0.27 -2.84 -10.77
CA PHE A 316 0.16 -1.56 -10.20
C PHE A 316 1.64 -1.53 -9.77
N PHE A 317 2.14 -2.63 -9.22
CA PHE A 317 3.56 -2.68 -8.92
C PHE A 317 4.41 -2.51 -10.21
N ARG A 318 3.92 -3.07 -11.32
CA ARG A 318 4.58 -2.89 -12.62
C ARG A 318 4.63 -1.42 -13.05
N HIS A 319 3.56 -0.70 -12.78
CA HIS A 319 3.57 0.76 -12.99
C HIS A 319 4.71 1.43 -12.21
N ALA A 320 4.88 1.01 -10.97
CA ALA A 320 5.88 1.57 -10.05
C ALA A 320 7.32 1.23 -10.44
N ILE A 321 7.50 0.08 -11.12
CA ILE A 321 8.78 -0.31 -11.68
C ILE A 321 9.11 0.55 -12.89
N GLN A 322 8.13 0.69 -13.80
CA GLN A 322 8.33 1.36 -15.08
C GLN A 322 8.34 2.88 -14.95
N ASN A 323 7.65 3.38 -13.93
CA ASN A 323 7.60 4.81 -13.65
C ASN A 323 7.96 5.06 -12.21
N PRO A 324 9.25 5.37 -11.94
CA PRO A 324 9.73 5.57 -10.57
C PRO A 324 8.85 6.56 -9.81
N ALA A 325 8.59 6.24 -8.55
CA ALA A 325 7.77 7.07 -7.68
C ALA A 325 8.46 8.42 -7.50
N PRO A 326 7.71 9.47 -7.10
CA PRO A 326 8.30 10.75 -6.77
C PRO A 326 9.47 10.56 -5.80
N SER A 327 10.62 11.14 -6.14
CA SER A 327 11.79 11.10 -5.29
C SER A 327 11.57 11.97 -4.06
N LYS A 328 12.45 11.84 -3.07
CA LYS A 328 12.38 12.66 -1.88
C LYS A 328 12.44 14.15 -2.22
N GLU A 329 13.34 14.54 -3.11
CA GLU A 329 13.43 15.93 -3.52
C GLU A 329 12.19 16.41 -4.30
N GLU A 330 11.57 15.50 -5.03
CA GLU A 330 10.34 15.86 -5.71
C GLU A 330 9.22 16.15 -4.70
N VAL A 331 9.06 15.27 -3.70
CA VAL A 331 8.04 15.47 -2.66
C VAL A 331 8.31 16.75 -1.86
N VAL A 332 9.57 16.98 -1.49
CA VAL A 332 9.94 18.22 -0.80
C VAL A 332 9.55 19.46 -1.61
N ASN A 333 9.86 19.46 -2.91
CA ASN A 333 9.68 20.65 -3.73
C ASN A 333 8.25 20.98 -4.09
N ARG A 334 7.36 20.01 -3.91
CA ARG A 334 5.94 20.20 -4.17
C ARG A 334 5.21 20.60 -2.89
N THR A 335 5.91 20.50 -1.77
CA THR A 335 5.29 20.71 -0.45
C THR A 335 5.22 22.20 -0.13
N LYS A 336 4.00 22.72 0.01
CA LYS A 336 3.78 24.13 0.31
C LYS A 336 3.63 24.40 1.80
N ALA A 337 3.26 23.37 2.55
CA ALA A 337 3.06 23.44 4.00
C ALA A 337 3.28 22.07 4.62
N VAL A 338 3.85 22.08 5.83
CA VAL A 338 3.93 20.89 6.68
C VAL A 338 3.21 21.21 7.99
N PHE A 339 2.75 20.18 8.69
CA PHE A 339 2.30 20.32 10.10
C PHE A 339 3.36 19.73 11.02
N TRP A 340 3.86 20.56 11.93
CA TRP A 340 4.86 20.17 12.91
C TRP A 340 4.21 19.92 14.27
N ASN A 341 4.47 18.72 14.82
CA ASN A 341 4.02 18.31 16.15
C ASN A 341 4.69 19.03 17.33
N GLY A 342 5.50 20.06 17.05
CA GLY A 342 6.28 20.75 18.08
C GLY A 342 5.54 21.59 19.11
N GLU A 343 4.27 21.91 18.84
CA GLU A 343 3.45 22.71 19.75
C GLU A 343 2.07 22.10 19.99
N GLY A 344 2.02 20.77 20.09
CA GLY A 344 0.74 20.05 20.13
C GLY A 344 0.69 19.10 18.95
N ARG A 345 0.23 17.89 19.19
CA ARG A 345 0.36 16.80 18.23
C ARG A 345 -0.89 16.54 17.41
N ILE A 346 -0.67 16.06 16.17
CA ILE A 346 -1.75 15.77 15.23
C ILE A 346 -2.74 14.74 15.80
N SER A 347 -2.24 13.87 16.68
CA SER A 347 -3.06 12.88 17.39
C SER A 347 -4.13 13.52 18.28
N SER A 348 -3.93 14.79 18.63
CA SER A 348 -4.93 15.53 19.40
C SER A 348 -5.84 16.38 18.50
N LEU A 349 -5.67 16.26 17.19
CA LEU A 349 -6.50 16.97 16.21
C LEU A 349 -7.32 15.98 15.38
N ASN A 350 -8.42 15.49 15.97
CA ASN A 350 -9.13 14.36 15.38
C ASN A 350 -9.95 14.64 14.10
N GLY A 351 -10.28 15.90 13.86
CA GLY A 351 -10.96 16.26 12.61
C GLY A 351 -10.12 17.05 11.62
N PHE A 352 -8.79 16.95 11.75
CA PHE A 352 -7.85 17.75 10.96
C PHE A 352 -8.00 17.58 9.43
N TYR A 353 -8.16 16.34 8.99
CA TYR A 353 -8.23 16.05 7.55
C TYR A 353 -9.59 16.35 6.89
N GLN A 354 -10.62 16.63 7.70
CA GLN A 354 -11.96 16.96 7.21
C GLN A 354 -11.96 18.25 6.38
N GLY A 355 -12.62 18.22 5.22
CA GLY A 355 -12.65 19.40 4.37
C GLY A 355 -11.36 19.65 3.60
N LEU A 356 -10.32 18.87 3.89
CA LEU A 356 -9.09 18.91 3.12
C LEU A 356 -9.10 17.79 2.10
N TYR A 357 -8.90 16.56 2.56
CA TYR A 357 -8.79 15.44 1.62
C TYR A 357 -9.17 14.04 2.13
N SER A 358 -9.56 13.95 3.40
CA SER A 358 -10.17 12.71 3.90
C SER A 358 -11.37 13.05 4.77
N ASN A 359 -12.55 12.55 4.38
CA ASN A 359 -13.76 12.66 5.21
C ASN A 359 -13.85 11.54 6.24
N ASP A 360 -12.98 10.53 6.10
CA ASP A 360 -13.14 9.28 6.83
C ASP A 360 -11.82 8.58 7.03
N GLU A 361 -11.19 8.85 8.18
CA GLU A 361 -9.88 8.26 8.51
C GLU A 361 -9.91 6.78 8.85
N THR A 362 -11.10 6.20 8.98
CA THR A 362 -11.26 4.76 9.17
C THR A 362 -10.90 3.99 7.87
N MET A 363 -11.00 4.68 6.73
CA MET A 363 -10.76 4.06 5.42
C MET A 363 -9.66 4.77 4.61
N PRO A 364 -8.96 4.04 3.70
CA PRO A 364 -7.71 4.53 3.07
C PRO A 364 -7.84 5.58 1.94
N LEU A 365 -8.95 5.56 1.19
CA LEU A 365 -9.08 6.41 0.01
C LEU A 365 -9.21 7.90 0.35
N TYR A 366 -8.51 8.70 -0.42
CA TYR A 366 -8.54 10.13 -0.29
C TYR A 366 -9.57 10.68 -1.27
N ASN A 367 -10.27 11.74 -0.87
CA ASN A 367 -11.27 12.38 -1.72
C ASN A 367 -10.67 13.38 -2.69
N ASN A 368 -9.58 14.00 -2.27
CA ASN A 368 -8.97 15.12 -2.97
C ASN A 368 -7.46 14.86 -3.08
N GLY A 369 -6.84 15.25 -4.19
CA GLY A 369 -5.39 15.16 -4.36
C GLY A 369 -4.70 16.52 -4.34
N ARG A 370 -5.50 17.56 -4.10
CA ARG A 370 -5.04 18.95 -4.10
C ARG A 370 -3.79 19.24 -3.26
N TYR A 371 -3.66 18.55 -2.13
CA TYR A 371 -2.63 18.86 -1.13
C TYR A 371 -1.60 17.75 -1.02
N HIS A 372 -1.71 16.75 -1.92
CA HIS A 372 -0.98 15.50 -1.79
C HIS A 372 -1.22 14.95 -0.39
N ILE A 373 -0.29 14.15 0.11
CA ILE A 373 -0.25 13.86 1.54
C ILE A 373 0.48 15.04 2.18
N LEU A 374 -0.22 15.79 3.03
CA LEU A 374 0.43 16.80 3.85
C LEU A 374 1.34 16.11 4.87
N PRO A 375 2.65 16.42 4.83
CA PRO A 375 3.57 15.77 5.76
C PRO A 375 3.36 16.24 7.19
N VAL A 376 3.54 15.32 8.13
CA VAL A 376 3.53 15.68 9.53
C VAL A 376 4.94 15.43 10.01
N ILE A 377 5.55 16.43 10.63
CA ILE A 377 6.91 16.32 11.14
C ILE A 377 6.91 16.10 12.65
N HIS A 378 7.62 15.06 13.07
CA HIS A 378 7.58 14.64 14.46
C HIS A 378 8.24 15.71 15.34
N GLU A 379 7.77 15.84 16.58
CA GLU A 379 8.26 16.82 17.57
C GLU A 379 9.78 16.79 17.85
N LYS A 380 10.43 15.66 17.61
CA LYS A 380 11.86 15.51 17.86
C LYS A 380 12.73 16.21 16.81
N ILE A 381 12.12 16.60 15.69
CA ILE A 381 12.78 17.39 14.65
C ILE A 381 12.61 18.88 14.94
N ASP A 382 13.72 19.54 15.22
CA ASP A 382 13.78 20.99 15.49
C ASP A 382 13.18 21.81 14.35
N LYS A 383 12.58 22.94 14.68
CA LYS A 383 11.94 23.82 13.68
C LYS A 383 12.93 24.33 12.64
N GLU A 384 14.16 24.56 13.08
CA GLU A 384 15.25 25.03 12.24
C GLU A 384 15.65 23.98 11.18
N LYS A 385 15.60 22.70 11.57
CA LYS A 385 15.85 21.60 10.65
C LYS A 385 14.76 21.51 9.57
N ILE A 386 13.51 21.67 9.99
CA ILE A 386 12.38 21.75 9.06
C ILE A 386 12.58 22.86 8.04
N SER A 387 13.00 24.04 8.50
CA SER A 387 13.31 25.17 7.64
C SER A 387 14.34 24.80 6.57
N SER A 388 15.31 23.95 6.93
CA SER A 388 16.36 23.59 5.98
C SER A 388 15.98 22.42 5.06
N ILE A 389 15.04 21.58 5.49
CA ILE A 389 14.51 20.54 4.59
C ILE A 389 13.51 21.17 3.60
N PHE A 390 12.58 21.97 4.13
CA PHE A 390 11.57 22.65 3.33
C PHE A 390 11.72 24.20 3.47
N PRO A 391 12.76 24.79 2.85
CA PRO A 391 12.90 26.25 3.00
C PRO A 391 11.70 27.11 2.51
N ASN A 392 11.01 26.65 1.46
CA ASN A 392 9.85 27.37 0.94
C ASN A 392 8.51 26.93 1.52
N ALA A 393 8.53 26.05 2.52
CA ALA A 393 7.28 25.56 3.11
C ALA A 393 6.81 26.37 4.32
N LYS A 394 5.50 26.50 4.46
CA LYS A 394 4.91 27.08 5.67
C LYS A 394 4.87 26.01 6.77
N ILE A 395 5.32 26.36 7.96
CA ILE A 395 5.29 25.41 9.08
C ILE A 395 4.05 25.71 9.92
N LEU A 396 3.06 24.84 9.84
CA LEU A 396 1.87 24.95 10.66
C LEU A 396 2.07 24.19 11.95
N THR A 397 1.43 24.67 13.01
CA THR A 397 1.45 23.98 14.30
C THR A 397 0.07 24.09 14.87
N LYS A 398 -0.16 23.39 15.98
CA LYS A 398 -1.46 23.43 16.67
C LYS A 398 -1.83 24.85 17.14
N ASN A 399 -0.81 25.65 17.44
CA ASN A 399 -1.01 27.03 17.86
C ASN A 399 -1.04 28.06 16.70
N SER A 400 -0.90 27.56 15.47
CA SER A 400 -0.95 28.43 14.28
C SER A 400 -2.28 29.13 14.21
N GLU A 401 -2.21 30.45 14.09
CA GLU A 401 -3.38 31.31 13.99
C GLU A 401 -4.26 30.93 12.79
N GLU A 402 -3.60 30.55 11.70
CA GLU A 402 -4.25 30.18 10.43
C GLU A 402 -5.15 28.94 10.51
N LEU A 403 -4.97 28.10 11.53
CA LEU A 403 -5.87 26.94 11.72
C LEU A 403 -7.33 27.28 12.11
N SER A 404 -7.62 28.57 12.35
CA SER A 404 -9.03 29.01 12.52
C SER A 404 -9.74 29.02 11.17
N SER A 405 -8.96 29.15 10.09
CA SER A 405 -9.45 28.95 8.73
C SER A 405 -8.54 28.01 7.96
N LYS A 406 -8.50 26.77 8.43
CA LYS A 406 -7.60 25.71 7.96
C LYS A 406 -7.68 25.48 6.44
N VAL A 407 -8.88 25.22 5.93
CA VAL A 407 -9.07 25.00 4.49
C VAL A 407 -8.72 26.24 3.67
N ASN A 408 -9.39 27.37 3.94
CA ASN A 408 -9.08 28.65 3.29
C ASN A 408 -7.57 28.95 3.31
N TYR A 409 -6.91 28.76 4.45
CA TYR A 409 -5.47 28.99 4.50
C TYR A 409 -4.69 28.04 3.60
N LEU A 410 -4.93 26.74 3.72
CA LEU A 410 -4.20 25.79 2.89
C LEU A 410 -4.55 25.91 1.38
N ASN A 411 -5.78 26.35 1.09
CA ASN A 411 -6.24 26.63 -0.27
C ASN A 411 -5.57 27.87 -0.91
N SER A 412 -4.99 28.76 -0.09
CA SER A 412 -4.20 29.89 -0.59
C SER A 412 -2.74 29.50 -0.91
N LEU A 413 -2.33 28.29 -0.52
CA LEU A 413 -0.98 27.77 -0.81
C LEU A 413 -0.99 26.66 -1.85
N TYR A 414 -2.05 25.88 -1.84
CA TYR A 414 -2.27 24.78 -2.77
C TYR A 414 -3.43 25.15 -3.67
N PRO A 415 -3.13 25.57 -4.92
CA PRO A 415 -4.18 25.96 -5.84
C PRO A 415 -5.07 24.78 -6.28
N LYS A 416 -6.33 25.09 -6.54
CA LYS A 416 -7.26 24.10 -7.04
C LYS A 416 -6.83 23.73 -8.46
N LEU A 417 -6.81 22.43 -8.76
CA LEU A 417 -6.26 21.98 -10.04
C LEU A 417 -7.26 21.29 -10.99
N TYR A 418 -8.43 20.92 -10.48
CA TYR A 418 -9.42 20.18 -11.26
C TYR A 418 -10.84 20.44 -10.73
N GLU A 419 -11.84 20.10 -11.54
CA GLU A 419 -13.27 20.16 -11.15
C GLU A 419 -13.89 18.76 -11.07
N GLY A 420 -14.98 18.64 -10.33
CA GLY A 420 -15.66 17.37 -10.12
C GLY A 420 -15.60 16.83 -8.71
N ASP A 421 -16.03 15.59 -8.53
CA ASP A 421 -16.12 14.99 -7.20
C ASP A 421 -15.21 13.78 -6.99
N GLY A 422 -14.52 13.38 -8.06
CA GLY A 422 -13.55 12.30 -7.97
C GLY A 422 -12.22 12.73 -7.36
N TYR A 423 -11.35 11.76 -7.15
CA TYR A 423 -9.99 12.01 -6.67
C TYR A 423 -9.03 12.15 -7.84
N ALA A 424 -8.30 13.26 -7.85
CA ALA A 424 -7.22 13.44 -8.82
C ALA A 424 -6.04 14.16 -8.17
N GLN A 425 -4.82 13.71 -8.47
CA GLN A 425 -3.61 14.35 -7.99
C GLN A 425 -2.64 14.59 -9.16
N ARG A 426 -2.13 15.82 -9.26
CA ARG A 426 -1.06 16.12 -10.21
C ARG A 426 0.28 15.69 -9.64
N VAL A 427 0.97 14.80 -10.35
CA VAL A 427 2.29 14.33 -9.93
C VAL A 427 3.23 14.47 -11.11
N GLY A 428 4.03 15.53 -11.11
CA GLY A 428 4.89 15.87 -12.26
C GLY A 428 4.02 16.11 -13.48
N ASN A 429 4.30 15.37 -14.55
CA ASN A 429 3.55 15.49 -15.80
C ASN A 429 2.39 14.52 -15.91
N SER A 430 1.93 14.03 -14.75
CA SER A 430 0.87 13.03 -14.68
C SER A 430 -0.28 13.37 -13.75
N TRP A 431 -1.45 12.82 -14.08
CA TRP A 431 -2.64 12.84 -13.24
C TRP A 431 -2.88 11.44 -12.69
N TYR A 432 -3.06 11.37 -11.37
CA TYR A 432 -3.41 10.12 -10.70
C TYR A 432 -4.82 10.25 -10.14
N ILE A 433 -5.70 9.36 -10.59
CA ILE A 433 -7.15 9.53 -10.47
C ILE A 433 -7.76 8.27 -9.89
N TYR A 434 -8.76 8.42 -9.01
CA TYR A 434 -9.68 7.31 -8.72
C TYR A 434 -11.06 7.74 -8.24
N ASN A 435 -12.01 6.82 -8.33
CA ASN A 435 -13.27 6.97 -7.64
C ASN A 435 -13.02 6.72 -6.14
N SER A 436 -13.37 7.67 -5.28
CA SER A 436 -13.08 7.58 -3.84
C SER A 436 -14.16 6.87 -2.99
N ASN A 437 -15.20 6.32 -3.62
CA ASN A 437 -16.23 5.54 -2.91
C ASN A 437 -15.79 4.09 -2.67
N ALA A 438 -15.53 3.77 -1.42
CA ALA A 438 -15.08 2.42 -1.05
C ALA A 438 -16.19 1.36 -1.16
N ASN A 439 -17.37 1.65 -0.64
CA ASN A 439 -18.44 0.63 -0.63
C ASN A 439 -19.82 1.18 -0.99
N ILE A 440 -19.84 2.23 -1.80
CA ILE A 440 -21.07 2.87 -2.25
C ILE A 440 -21.06 2.92 -3.77
N ASN A 441 -22.09 2.31 -4.39
CA ASN A 441 -22.11 2.18 -5.85
C ASN A 441 -22.54 3.46 -6.59
N LYS A 442 -21.65 4.44 -6.60
CA LYS A 442 -21.91 5.72 -7.27
C LYS A 442 -20.71 6.18 -8.10
N ASN A 443 -20.99 6.67 -9.31
CA ASN A 443 -19.95 7.24 -10.18
C ASN A 443 -19.43 8.60 -9.72
N GLN A 444 -18.19 8.87 -10.13
CA GLN A 444 -17.57 10.15 -9.88
C GLN A 444 -17.01 10.66 -11.19
N GLN A 445 -16.94 11.98 -11.30
CA GLN A 445 -16.45 12.65 -12.51
C GLN A 445 -15.33 13.61 -12.13
N VAL A 446 -14.34 13.70 -13.00
CA VAL A 446 -13.32 14.73 -12.89
C VAL A 446 -13.18 15.42 -14.23
N MET A 447 -12.93 16.73 -14.17
CA MET A 447 -12.57 17.54 -15.32
C MET A 447 -11.14 18.03 -15.05
N LEU A 448 -10.23 17.63 -15.92
CA LEU A 448 -8.80 17.84 -15.69
C LEU A 448 -8.19 18.81 -16.69
N PRO A 449 -7.85 20.03 -16.24
CA PRO A 449 -7.07 20.88 -17.12
C PRO A 449 -5.78 20.15 -17.48
N MET A 450 -5.28 20.36 -18.68
CA MET A 450 -4.04 19.72 -19.07
C MET A 450 -2.92 20.74 -19.18
N TYR A 451 -1.68 20.24 -19.19
CA TYR A 451 -0.48 21.08 -19.03
C TYR A 451 0.32 21.15 -20.33
N THR A 452 -0.16 20.42 -21.34
CA THR A 452 0.35 20.47 -22.71
C THR A 452 -0.85 20.74 -23.64
N ASN A 453 -0.55 21.05 -24.90
CA ASN A 453 -1.58 21.32 -25.91
C ASN A 453 -1.94 20.06 -26.74
N ASN A 454 -1.60 18.88 -26.22
CA ASN A 454 -2.12 17.63 -26.74
C ASN A 454 -3.65 17.68 -26.77
N THR A 455 -4.21 18.19 -25.68
CA THR A 455 -5.63 18.47 -25.55
C THR A 455 -5.77 19.61 -24.54
N LYS A 456 -6.92 20.29 -24.53
CA LYS A 456 -7.14 21.37 -23.56
C LYS A 456 -7.58 20.84 -22.19
N SER A 457 -8.52 19.91 -22.18
CA SER A 457 -8.94 19.28 -20.95
C SER A 457 -9.30 17.83 -21.20
N LEU A 458 -9.29 17.05 -20.13
CA LEU A 458 -9.65 15.65 -20.17
C LEU A 458 -10.63 15.42 -19.04
N SER A 459 -11.80 14.87 -19.36
CA SER A 459 -12.77 14.48 -18.34
C SER A 459 -12.92 12.96 -18.27
N LEU A 460 -13.17 12.47 -17.06
CA LEU A 460 -13.48 11.07 -16.84
C LEU A 460 -14.76 10.86 -16.03
N ASP A 461 -15.58 9.93 -16.51
CA ASP A 461 -16.65 9.37 -15.71
C ASP A 461 -16.17 7.98 -15.28
N LEU A 462 -16.25 7.72 -13.97
CA LEU A 462 -15.61 6.57 -13.33
C LEU A 462 -16.56 5.88 -12.35
N THR A 463 -16.82 4.58 -12.60
CA THR A 463 -17.56 3.74 -11.66
C THR A 463 -16.69 3.52 -10.42
N PRO A 464 -17.30 3.12 -9.28
CA PRO A 464 -16.46 2.74 -8.13
C PRO A 464 -15.37 1.72 -8.49
N HIS A 465 -14.24 1.75 -7.77
CA HIS A 465 -13.14 0.77 -7.94
C HIS A 465 -12.49 0.86 -9.32
N THR A 466 -12.37 2.09 -9.80
CA THR A 466 -11.67 2.42 -11.04
C THR A 466 -10.58 3.43 -10.72
N TYR A 467 -9.35 3.14 -11.13
CA TYR A 467 -8.29 4.15 -11.12
C TYR A 467 -7.73 4.41 -12.53
N ALA A 468 -7.06 5.54 -12.67
CA ALA A 468 -6.49 5.94 -13.94
C ALA A 468 -5.21 6.74 -13.71
N VAL A 469 -4.33 6.65 -14.70
CA VAL A 469 -3.09 7.42 -14.72
C VAL A 469 -3.02 8.06 -16.11
N VAL A 470 -2.96 9.38 -16.16
CA VAL A 470 -2.83 10.08 -17.43
C VAL A 470 -1.45 10.73 -17.45
N LYS A 471 -0.58 10.24 -18.33
CA LYS A 471 0.74 10.82 -18.54
C LYS A 471 0.77 11.70 -19.77
N GLU A 472 1.14 12.97 -19.58
CA GLU A 472 1.34 13.87 -20.70
C GLU A 472 2.78 13.80 -21.23
N ASN A 473 2.96 13.21 -22.40
CA ASN A 473 4.26 13.25 -23.06
C ASN A 473 4.27 14.52 -23.90
N PRO A 474 5.44 14.93 -24.46
CA PRO A 474 5.37 16.09 -25.34
C PRO A 474 4.31 16.00 -26.47
N ASN A 475 4.24 14.88 -27.18
CA ASN A 475 3.32 14.82 -28.31
C ASN A 475 2.25 13.73 -28.31
N ASN A 476 2.09 13.06 -27.17
CA ASN A 476 1.02 12.10 -27.01
C ASN A 476 0.60 12.03 -25.54
N LEU A 477 -0.52 11.37 -25.29
CA LEU A 477 -0.94 11.06 -23.92
C LEU A 477 -0.97 9.55 -23.74
N HIS A 478 -0.55 9.11 -22.56
CA HIS A 478 -0.72 7.71 -22.22
C HIS A 478 -1.71 7.58 -21.10
N ILE A 479 -2.76 6.80 -21.35
CA ILE A 479 -3.80 6.54 -20.36
C ILE A 479 -3.81 5.06 -19.97
N LEU A 480 -3.69 4.83 -18.67
CA LEU A 480 -3.87 3.54 -18.07
C LEU A 480 -5.23 3.59 -17.36
N LEU A 481 -6.08 2.58 -17.59
CA LEU A 481 -7.31 2.42 -16.82
C LEU A 481 -7.30 1.05 -16.21
N ASN A 482 -7.74 0.96 -14.96
CA ASN A 482 -7.98 -0.34 -14.37
C ASN A 482 -9.15 -0.28 -13.41
N ASN A 483 -10.13 -1.15 -13.62
CA ASN A 483 -11.30 -1.21 -12.77
C ASN A 483 -11.59 -2.65 -12.32
N TYR A 484 -10.54 -3.47 -12.27
CA TYR A 484 -10.71 -4.89 -12.02
C TYR A 484 -11.38 -5.16 -10.67
N ARG A 485 -12.53 -5.81 -10.71
CA ARG A 485 -13.22 -6.24 -9.52
C ARG A 485 -14.07 -7.47 -9.85
N THR A 486 -13.70 -8.62 -9.29
CA THR A 486 -14.46 -9.85 -9.51
C THR A 486 -15.77 -9.76 -8.72
N ASP A 487 -16.76 -10.52 -9.17
CA ASP A 487 -18.01 -10.63 -8.43
C ASP A 487 -17.82 -11.66 -7.31
N LYS A 488 -18.05 -11.23 -6.07
CA LYS A 488 -17.83 -12.05 -4.89
C LYS A 488 -19.10 -12.79 -4.45
N THR A 489 -20.16 -12.68 -5.25
CA THR A 489 -21.47 -13.25 -4.90
C THR A 489 -21.42 -14.76 -4.65
N ALA A 490 -20.81 -15.51 -5.56
CA ALA A 490 -20.70 -16.97 -5.44
C ALA A 490 -20.03 -17.42 -4.14
N MET A 491 -18.93 -16.78 -3.76
CA MET A 491 -18.27 -17.07 -2.50
C MET A 491 -19.19 -16.83 -1.31
N TRP A 492 -19.92 -15.72 -1.34
CA TRP A 492 -20.85 -15.39 -0.25
C TRP A 492 -22.04 -16.33 -0.17
N ALA A 493 -22.35 -16.98 -1.30
CA ALA A 493 -23.51 -17.89 -1.40
C ALA A 493 -23.23 -19.27 -0.78
N LEU A 494 -21.97 -19.54 -0.45
CA LEU A 494 -21.57 -20.84 0.09
C LEU A 494 -22.13 -21.11 1.49
N SER A 495 -22.55 -22.36 1.71
CA SER A 495 -22.94 -22.81 3.04
C SER A 495 -21.67 -23.10 3.83
N GLY A 496 -21.79 -23.07 5.15
CA GLY A 496 -20.69 -23.36 6.05
C GLY A 496 -20.44 -22.24 7.05
N ASN A 497 -19.62 -22.57 8.05
CA ASN A 497 -19.12 -21.62 9.01
C ASN A 497 -17.75 -21.11 8.55
N PHE A 498 -17.65 -19.80 8.29
CA PHE A 498 -16.35 -19.19 7.97
C PHE A 498 -16.04 -18.05 8.93
N ASP A 499 -16.48 -18.17 10.18
CA ASP A 499 -16.20 -17.17 11.21
C ASP A 499 -14.71 -16.97 11.41
N ALA A 500 -14.32 -15.73 11.71
CA ALA A 500 -12.92 -15.37 11.98
C ALA A 500 -12.31 -16.10 13.18
N SER A 501 -13.15 -16.59 14.09
CA SER A 501 -12.67 -17.47 15.17
C SER A 501 -12.12 -18.77 14.62
N LYS A 502 -12.35 -19.05 13.33
CA LYS A 502 -11.84 -20.27 12.68
C LYS A 502 -10.59 -20.03 11.84
N SER A 503 -10.00 -18.86 11.97
CA SER A 503 -8.72 -18.60 11.30
C SER A 503 -7.63 -19.44 11.95
N TRP A 504 -6.72 -19.93 11.11
CA TRP A 504 -5.69 -20.90 11.49
C TRP A 504 -6.27 -22.32 11.68
N LYS A 505 -7.57 -22.45 11.42
CA LYS A 505 -8.29 -23.75 11.51
C LYS A 505 -8.82 -24.22 10.15
N LYS A 506 -9.45 -25.40 10.13
CA LYS A 506 -9.76 -26.07 8.88
C LYS A 506 -10.83 -25.38 8.00
N GLU A 507 -11.78 -24.68 8.63
CA GLU A 507 -12.69 -23.82 7.88
C GLU A 507 -11.94 -22.77 7.04
N GLU A 508 -10.86 -22.19 7.57
CA GLU A 508 -10.03 -21.29 6.77
C GLU A 508 -9.38 -22.01 5.58
N LEU A 509 -8.97 -23.26 5.77
CA LEU A 509 -8.40 -24.03 4.68
C LEU A 509 -9.45 -24.37 3.64
N GLU A 510 -10.68 -24.66 4.09
CA GLU A 510 -11.78 -24.93 3.18
C GLU A 510 -11.97 -23.75 2.26
N LEU A 511 -12.01 -22.55 2.85
CA LEU A 511 -12.12 -21.31 2.09
C LEU A 511 -10.93 -21.16 1.12
N ALA A 512 -9.71 -21.44 1.60
CA ALA A 512 -8.48 -21.36 0.80
C ALA A 512 -8.49 -22.34 -0.37
N ASN A 513 -9.05 -23.52 -0.14
CA ASN A 513 -9.22 -24.55 -1.18
C ASN A 513 -10.26 -24.12 -2.19
N TRP A 514 -11.42 -23.68 -1.71
CA TRP A 514 -12.45 -23.14 -2.58
C TRP A 514 -11.85 -22.04 -3.47
N ILE A 515 -11.07 -21.14 -2.87
CA ILE A 515 -10.41 -20.08 -3.61
C ILE A 515 -9.57 -20.60 -4.79
N SER A 516 -8.79 -21.65 -4.57
CA SER A 516 -7.90 -22.16 -5.63
C SER A 516 -8.64 -22.89 -6.74
N LYS A 517 -9.91 -23.21 -6.53
CA LYS A 517 -10.66 -23.97 -7.53
C LYS A 517 -11.73 -23.15 -8.21
N ASN A 518 -12.08 -22.03 -7.60
CA ASN A 518 -13.18 -21.22 -8.10
C ASN A 518 -12.71 -19.83 -8.47
N TYR A 519 -12.45 -19.02 -7.46
CA TYR A 519 -12.00 -17.66 -7.64
C TYR A 519 -10.74 -17.56 -8.52
N SER A 520 -9.72 -18.37 -8.24
CA SER A 520 -8.44 -18.20 -8.89
C SER A 520 -8.37 -18.77 -10.30
N ILE A 521 -9.37 -19.56 -10.67
CA ILE A 521 -9.35 -20.26 -11.94
C ILE A 521 -10.55 -19.95 -12.83
N ASN A 522 -11.72 -19.76 -12.21
CA ASN A 522 -12.92 -19.27 -12.87
C ASN A 522 -13.41 -17.97 -12.24
N PRO A 523 -12.57 -16.91 -12.29
CA PRO A 523 -13.02 -15.63 -11.73
C PRO A 523 -14.28 -15.10 -12.41
N VAL A 524 -15.24 -14.65 -11.62
CA VAL A 524 -16.46 -14.08 -12.17
C VAL A 524 -16.19 -12.61 -12.49
N ASP A 525 -15.55 -12.38 -13.64
CA ASP A 525 -15.07 -11.05 -14.03
C ASP A 525 -15.53 -10.62 -15.43
N ASN A 526 -16.73 -11.09 -15.81
CA ASN A 526 -17.29 -10.80 -17.13
C ASN A 526 -18.32 -9.70 -17.14
N ASP A 527 -18.62 -9.14 -15.97
CA ASP A 527 -19.48 -7.95 -15.88
C ASP A 527 -18.62 -6.70 -16.13
N PHE A 528 -18.80 -6.06 -17.28
CA PHE A 528 -18.10 -4.81 -17.61
C PHE A 528 -18.79 -3.58 -17.00
N ARG A 529 -17.98 -2.57 -16.76
CA ARG A 529 -18.46 -1.26 -16.27
C ARG A 529 -17.85 -0.21 -17.19
N THR A 530 -18.53 0.93 -17.33
CA THR A 530 -18.08 1.94 -18.28
C THR A 530 -17.26 3.07 -17.68
N THR A 531 -16.06 3.26 -18.23
CA THR A 531 -15.24 4.44 -18.00
C THR A 531 -15.41 5.34 -19.24
N THR A 532 -15.76 6.60 -19.03
CA THR A 532 -15.92 7.52 -20.15
C THR A 532 -14.85 8.57 -20.15
N LEU A 533 -14.13 8.62 -21.25
CA LEU A 533 -12.96 9.48 -21.41
C LEU A 533 -13.27 10.52 -22.49
N THR A 534 -13.17 11.80 -22.14
CA THR A 534 -13.45 12.88 -23.09
C THR A 534 -12.26 13.84 -23.22
N LEU A 535 -11.72 13.98 -24.42
CA LEU A 535 -10.68 14.98 -24.70
C LEU A 535 -11.31 16.17 -25.41
N LYS A 536 -11.16 17.34 -24.79
CA LYS A 536 -11.74 18.58 -25.28
C LYS A 536 -10.63 19.47 -25.81
N GLY A 537 -10.73 19.79 -27.10
CA GLY A 537 -9.82 20.74 -27.75
C GLY A 537 -8.58 20.04 -28.21
N HIS A 538 -8.73 18.75 -28.52
CA HIS A 538 -7.61 17.92 -28.99
C HIS A 538 -7.14 18.32 -30.39
N HIS A 541 -7.10 18.12 -35.43
CA HIS A 541 -6.49 16.83 -35.76
C HIS A 541 -7.22 15.71 -35.05
N LYS A 542 -7.85 14.82 -35.83
CA LYS A 542 -8.63 13.70 -35.30
C LYS A 542 -7.73 12.59 -34.75
N PRO A 543 -7.82 12.33 -33.43
CA PRO A 543 -6.96 11.37 -32.76
C PRO A 543 -7.04 9.96 -33.32
N GLN A 544 -5.87 9.42 -33.65
CA GLN A 544 -5.70 8.03 -33.97
C GLN A 544 -5.16 7.38 -32.70
N ILE A 545 -5.89 6.44 -32.15
CA ILE A 545 -5.44 5.82 -30.91
C ILE A 545 -4.87 4.42 -31.05
N ASN A 546 -3.91 4.13 -30.19
CA ASN A 546 -3.35 2.82 -30.02
C ASN A 546 -3.91 2.29 -28.69
N ILE A 547 -4.61 1.15 -28.74
CA ILE A 547 -5.29 0.63 -27.55
C ILE A 547 -5.04 -0.87 -27.29
N SER A 548 -4.79 -1.21 -26.03
CA SER A 548 -4.77 -2.61 -25.60
C SER A 548 -5.32 -2.79 -24.18
N GLY A 549 -5.39 -4.04 -23.72
CA GLY A 549 -5.85 -4.34 -22.37
C GLY A 549 -5.99 -5.82 -22.09
N ASP A 550 -6.54 -6.17 -20.94
CA ASP A 550 -6.71 -7.58 -20.56
C ASP A 550 -7.57 -8.29 -21.62
N LYS A 551 -7.03 -9.37 -22.18
CA LYS A 551 -7.69 -10.16 -23.23
C LYS A 551 -9.13 -10.55 -22.86
N ASN A 552 -10.04 -10.31 -23.80
CA ASN A 552 -11.48 -10.64 -23.66
C ASN A 552 -12.19 -9.91 -22.53
N HIS A 553 -11.59 -8.84 -22.04
CA HIS A 553 -12.11 -8.10 -20.90
C HIS A 553 -12.32 -6.61 -21.14
N TYR A 554 -12.43 -6.22 -22.41
CA TYR A 554 -12.82 -4.85 -22.76
C TYR A 554 -13.36 -4.72 -24.17
N THR A 555 -14.29 -3.79 -24.31
CA THR A 555 -14.70 -3.30 -25.61
C THR A 555 -14.61 -1.78 -25.53
N TYR A 556 -14.73 -1.11 -26.68
CA TYR A 556 -14.73 0.36 -26.70
C TYR A 556 -15.45 0.93 -27.91
N THR A 557 -16.01 2.14 -27.75
CA THR A 557 -16.53 2.89 -28.88
C THR A 557 -15.87 4.27 -28.90
N GLU A 558 -15.54 4.75 -30.10
CA GLU A 558 -14.98 6.09 -30.28
C GLU A 558 -16.01 7.05 -30.86
N ASN A 559 -15.81 8.34 -30.59
CA ASN A 559 -16.66 9.38 -31.12
C ASN A 559 -15.87 10.69 -31.28
N TRP A 560 -15.92 11.26 -32.47
CA TRP A 560 -15.19 12.48 -32.77
C TRP A 560 -16.13 13.57 -33.25
N ASP A 561 -16.05 14.74 -32.64
CA ASP A 561 -16.80 15.89 -33.12
C ASP A 561 -15.89 16.83 -33.92
N GLU A 562 -16.02 16.71 -35.24
CA GLU A 562 -15.35 17.51 -36.24
C GLU A 562 -15.28 19.01 -35.88
N ASN A 563 -16.43 19.60 -35.58
CA ASN A 563 -16.53 21.03 -35.34
C ASN A 563 -15.99 21.51 -34.01
N THR A 564 -16.23 20.73 -32.95
CA THR A 564 -15.80 21.13 -31.61
C THR A 564 -14.45 20.55 -31.21
N HIS A 565 -13.94 19.61 -32.01
CA HIS A 565 -12.66 18.95 -31.75
C HIS A 565 -12.67 18.15 -30.43
N VAL A 566 -13.82 17.54 -30.13
CA VAL A 566 -13.96 16.71 -28.95
C VAL A 566 -13.86 15.25 -29.36
N TYR A 567 -13.02 14.51 -28.66
CA TYR A 567 -12.88 13.08 -28.87
C TYR A 567 -13.32 12.33 -27.61
N THR A 568 -14.28 11.44 -27.76
CA THR A 568 -14.79 10.61 -26.66
C THR A 568 -14.53 9.12 -26.93
N ILE A 569 -13.88 8.46 -25.98
CA ILE A 569 -13.85 7.01 -25.97
C ILE A 569 -14.60 6.42 -24.75
N THR A 570 -15.52 5.51 -25.06
CA THR A 570 -16.34 4.81 -24.07
C THR A 570 -15.76 3.41 -23.89
N VAL A 571 -15.14 3.15 -22.74
CA VAL A 571 -14.51 1.86 -22.46
C VAL A 571 -15.35 1.04 -21.48
N ASN A 572 -15.79 -0.12 -21.94
CA ASN A 572 -16.47 -1.10 -21.10
C ASN A 572 -15.47 -2.18 -20.77
N HIS A 573 -15.21 -2.39 -19.49
CA HIS A 573 -14.11 -3.25 -19.12
C HIS A 573 -14.24 -3.81 -17.73
N ASN A 574 -13.60 -4.95 -17.50
CA ASN A 574 -13.35 -5.43 -16.16
C ASN A 574 -11.90 -5.89 -16.10
N GLY A 575 -11.04 -4.92 -15.80
CA GLY A 575 -9.60 -5.11 -15.85
C GLY A 575 -8.88 -3.88 -16.34
N MET A 576 -7.67 -4.10 -16.84
CA MET A 576 -6.82 -3.03 -17.34
C MET A 576 -7.07 -2.71 -18.82
N VAL A 577 -7.06 -1.42 -19.15
CA VAL A 577 -7.07 -0.92 -20.53
C VAL A 577 -5.98 0.15 -20.62
N GLU A 578 -5.16 0.08 -21.66
CA GLU A 578 -4.08 1.05 -21.91
C GLU A 578 -4.26 1.70 -23.29
N MET A 579 -4.03 3.01 -23.36
CA MET A 579 -4.08 3.73 -24.64
C MET A 579 -2.93 4.70 -24.78
N LYS A 580 -2.54 4.94 -26.03
CA LYS A 580 -1.67 6.05 -26.38
C LYS A 580 -2.42 6.89 -27.43
N ILE A 581 -2.52 8.19 -27.18
CA ILE A 581 -3.33 9.06 -28.03
C ILE A 581 -2.53 10.16 -28.72
C1 NAG B . -6.19 -7.03 17.74
C2 NAG B . -6.13 -8.57 17.60
C3 NAG B . -5.28 -9.01 16.38
C4 NAG B . -5.50 -8.13 15.12
C5 NAG B . -5.70 -6.63 15.45
C6 NAG B . -6.22 -5.84 14.24
C7 NAG B . -6.44 -9.71 19.77
C8 NAG B . -5.78 -10.19 21.03
N2 NAG B . -5.64 -9.13 18.85
O1 NAG B . -7.09 -6.62 18.74
O3 NAG B . -5.49 -10.36 15.92
O4 NAG B . -4.42 -8.32 14.21
O5 NAG B . -6.61 -6.44 16.52
O6 NAG B . -6.62 -4.52 14.58
O7 NAG B . -7.64 -9.86 19.63
C1 GAL B . -4.86 -8.85 12.92
C2 GAL B . -4.36 -10.31 12.67
C3 GAL B . -5.21 -11.07 11.62
C4 GAL B . -6.69 -10.81 11.79
C5 GAL B . -6.92 -9.29 11.70
C6 GAL B . -8.39 -8.90 11.85
O2 GAL B . -3.03 -10.18 12.20
O3 GAL B . -4.97 -12.46 11.60
O4 GAL B . -7.17 -11.37 13.01
O5 GAL B . -6.25 -8.63 12.74
O6 GAL B . -8.47 -7.53 11.53
C1 FUC B . -2.11 -11.18 12.66
C2 FUC B . -0.98 -11.32 11.62
C3 FUC B . -0.22 -9.98 11.54
C4 FUC B . 0.36 -9.65 12.92
C5 FUC B . -0.78 -9.65 13.97
C6 FUC B . -0.28 -9.41 15.40
O2 FUC B . -1.49 -11.71 10.35
O3 FUC B . 0.78 -9.95 10.53
O4 FUC B . 1.39 -10.56 13.24
O5 FUC B . -1.54 -10.85 13.92
C1 FUC B . -5.29 -11.46 16.85
C2 FUC B . -5.61 -12.80 16.16
C3 FUC B . -4.46 -13.28 15.26
C4 FUC B . -3.15 -13.31 16.04
C5 FUC B . -2.91 -11.97 16.74
C6 FUC B . -1.66 -12.02 17.63
O2 FUC B . -6.79 -12.66 15.38
O3 FUC B . -4.71 -14.56 14.72
O4 FUC B . -3.18 -14.40 16.94
O5 FUC B . -4.02 -11.53 17.52
#